data_6TTG
#
_entry.id   6TTG
#
_cell.length_a   142.700
_cell.length_b   55.360
_cell.length_c   50.810
_cell.angle_alpha   90.000
_cell.angle_beta   100.420
_cell.angle_gamma   90.000
#
_symmetry.space_group_name_H-M   'C 1 2 1'
#
loop_
_entity.id
_entity.type
_entity.pdbx_description
1 polymer 'DNA gyrase subunit B'
2 non-polymer '2-[[3,4-bis(chloranyl)-5-methyl-1~{H}-pyrrol-2-yl]carbonylamino]-4-(2-morpholin-4-ylethoxy)-1,3-benzothiazole-6-carboxylic acid'
3 non-polymer GLYCEROL
4 non-polymer (4S)-2-METHYL-2,4-PENTANEDIOL
5 non-polymer 'CALCIUM ION'
6 non-polymer 'CHLORIDE ION'
7 non-polymer IMIDAZOLE
8 water water
#
_entity_poly.entity_id   1
_entity_poly.type   'polypeptide(L)'
_entity_poly.pdbx_seq_one_letter_code
;GSVTALSDVNNTDNYGAGQIQVLEGLEAVRKRPGMYIGSTSERGLHHLVWEIVDNSIDEALAGYANQIEVVIEKDNWIKV
TDNGRGIPVDIQEKMGRPAVEVILTSSVVNALSQDLEVYVHRNETIYHQAYKKGVPQFDLKEVGTTDKTGTVIRFKADGE
IFTETTVYNYETLQQRIRELAFLNKGIQITLRDERDEENVREDSYHYEGGIK
;
_entity_poly.pdbx_strand_id   A,B
#
# COMPACT_ATOMS: atom_id res chain seq x y z
N GLY A 18 -5.60 0.71 1.03
CA GLY A 18 -4.75 0.60 -0.21
C GLY A 18 -5.44 -0.19 -1.30
N GLN A 19 -6.00 -1.35 -0.94
CA GLN A 19 -6.75 -2.25 -1.85
C GLN A 19 -8.21 -1.77 -2.01
N ILE A 20 -8.76 -1.06 -1.02
CA ILE A 20 -10.05 -0.31 -1.11
C ILE A 20 -9.91 0.80 -2.17
N GLN A 21 -8.74 1.42 -2.24
CA GLN A 21 -8.46 2.56 -3.16
C GLN A 21 -8.41 2.03 -4.61
N VAL A 22 -7.79 0.87 -4.82
CA VAL A 22 -7.73 0.16 -6.14
C VAL A 22 -9.18 -0.11 -6.61
N LEU A 23 -10.02 -0.70 -5.76
CA LEU A 23 -11.41 -1.10 -6.16
C LEU A 23 -12.21 0.12 -6.59
N GLU A 24 -12.12 1.23 -5.85
CA GLU A 24 -12.83 2.50 -6.19
C GLU A 24 -12.29 3.03 -7.52
N GLY A 25 -10.97 2.90 -7.76
CA GLY A 25 -10.32 3.23 -9.04
C GLY A 25 -10.93 2.47 -10.22
N LEU A 26 -11.12 1.15 -10.06
CA LEU A 26 -11.70 0.27 -11.11
C LEU A 26 -13.15 0.71 -11.36
N GLU A 27 -13.91 0.96 -10.30
CA GLU A 27 -15.33 1.43 -10.41
C GLU A 27 -15.37 2.75 -11.19
N ALA A 28 -14.49 3.70 -10.86
CA ALA A 28 -14.43 5.04 -11.49
C ALA A 28 -14.21 4.87 -13.01
N VAL A 29 -13.23 4.06 -13.39
CA VAL A 29 -12.84 3.90 -14.83
C VAL A 29 -14.01 3.29 -15.63
N ARG A 30 -14.64 2.26 -15.10
CA ARG A 30 -15.71 1.52 -15.80
C ARG A 30 -16.99 2.35 -15.84
N LYS A 31 -17.19 3.27 -14.90
CA LYS A 31 -18.41 4.12 -14.84
C LYS A 31 -18.30 5.22 -15.92
N ARG A 32 -17.15 5.87 -16.07
CA ARG A 32 -16.93 6.94 -17.10
C ARG A 32 -15.74 6.60 -17.98
N PRO A 33 -15.80 5.52 -18.78
CA PRO A 33 -14.65 5.08 -19.56
C PRO A 33 -14.14 6.15 -20.55
N GLY A 34 -15.06 6.90 -21.15
CA GLY A 34 -14.72 7.96 -22.12
C GLY A 34 -13.82 9.03 -21.52
N MET A 35 -13.98 9.35 -20.23
CA MET A 35 -13.13 10.36 -19.54
C MET A 35 -11.67 9.85 -19.48
N TYR A 36 -11.46 8.54 -19.57
CA TYR A 36 -10.13 7.90 -19.41
C TYR A 36 -9.46 7.67 -20.75
N ILE A 37 -10.18 7.16 -21.77
CA ILE A 37 -9.61 6.73 -23.09
C ILE A 37 -10.21 7.54 -24.25
N GLY A 38 -10.88 8.65 -23.99
CA GLY A 38 -11.33 9.60 -25.04
C GLY A 38 -12.72 9.27 -25.58
N SER A 39 -13.09 7.98 -25.62
CA SER A 39 -14.39 7.50 -26.18
C SER A 39 -14.48 5.99 -26.00
N THR A 40 -15.67 5.42 -26.21
CA THR A 40 -15.93 3.95 -26.16
C THR A 40 -16.19 3.41 -27.57
N SER A 41 -15.95 4.25 -28.57
CA SER A 41 -16.01 3.97 -30.03
C SER A 41 -14.81 3.12 -30.47
N GLU A 42 -14.71 2.86 -31.77
CA GLU A 42 -13.57 2.11 -32.36
C GLU A 42 -12.26 2.77 -31.94
N ARG A 43 -12.25 4.10 -31.81
CA ARG A 43 -11.06 4.91 -31.43
C ARG A 43 -10.59 4.50 -30.03
N GLY A 44 -11.53 4.34 -29.09
CA GLY A 44 -11.24 3.91 -27.70
C GLY A 44 -10.75 2.47 -27.61
N LEU A 45 -11.37 1.57 -28.37
CA LEU A 45 -10.91 0.14 -28.44
C LEU A 45 -9.42 0.12 -28.85
N HIS A 46 -9.03 0.87 -29.88
CA HIS A 46 -7.62 0.89 -30.37
C HIS A 46 -6.72 1.55 -29.33
N HIS A 47 -7.24 2.52 -28.55
CA HIS A 47 -6.48 3.22 -27.49
C HIS A 47 -5.95 2.21 -26.46
N LEU A 48 -6.71 1.15 -26.15
CA LEU A 48 -6.22 0.08 -25.24
C LEU A 48 -4.82 -0.40 -25.67
N VAL A 49 -4.69 -0.74 -26.96
CA VAL A 49 -3.42 -1.25 -27.52
C VAL A 49 -2.31 -0.21 -27.33
N TRP A 50 -2.56 1.07 -27.66
CA TRP A 50 -1.58 2.18 -27.49
C TRP A 50 -1.13 2.32 -26.03
N GLU A 51 -2.04 2.15 -25.09
CA GLU A 51 -1.73 2.26 -23.65
C GLU A 51 -0.72 1.16 -23.28
N ILE A 52 -0.93 -0.09 -23.70
CA ILE A 52 0.01 -1.21 -23.36
C ILE A 52 1.32 -1.02 -24.12
N VAL A 53 1.25 -0.76 -25.42
CA VAL A 53 2.47 -0.61 -26.27
C VAL A 53 3.32 0.55 -25.73
N ASP A 54 2.69 1.63 -25.26
CA ASP A 54 3.42 2.80 -24.71
C ASP A 54 4.31 2.40 -23.53
N ASN A 55 3.85 1.52 -22.65
CA ASN A 55 4.63 0.98 -21.50
C ASN A 55 5.87 0.25 -22.00
N SER A 56 5.72 -0.61 -23.01
CA SER A 56 6.85 -1.36 -23.62
C SER A 56 7.80 -0.35 -24.28
N ILE A 57 7.28 0.69 -24.94
CA ILE A 57 8.20 1.69 -25.57
C ILE A 57 9.04 2.38 -24.49
N ASP A 58 8.43 2.70 -23.37
CA ASP A 58 9.14 3.36 -22.23
C ASP A 58 10.25 2.43 -21.72
N GLU A 59 10.02 1.13 -21.61
CA GLU A 59 11.06 0.13 -21.22
C GLU A 59 12.21 0.16 -22.24
N ALA A 60 11.91 0.34 -23.53
CA ALA A 60 12.94 0.41 -24.59
C ALA A 60 13.72 1.72 -24.48
N LEU A 61 13.02 2.84 -24.30
CA LEU A 61 13.70 4.16 -24.18
C LEU A 61 14.56 4.19 -22.91
N ALA A 62 14.20 3.45 -21.86
CA ALA A 62 15.03 3.34 -20.62
C ALA A 62 16.30 2.54 -20.90
N GLY A 63 16.35 1.84 -22.05
CA GLY A 63 17.54 1.09 -22.51
C GLY A 63 17.45 -0.42 -22.26
N TYR A 64 16.26 -0.97 -21.98
CA TYR A 64 16.13 -2.35 -21.46
C TYR A 64 15.40 -3.31 -22.41
N ALA A 65 14.69 -2.80 -23.41
CA ALA A 65 13.91 -3.56 -24.40
C ALA A 65 14.29 -3.12 -25.81
N ASN A 66 14.20 -3.98 -26.84
CA ASN A 66 14.34 -3.50 -28.22
C ASN A 66 13.38 -4.25 -29.13
N GLN A 67 12.48 -5.07 -28.58
CA GLN A 67 11.55 -5.79 -29.45
C GLN A 67 10.17 -5.76 -28.80
N ILE A 68 9.15 -5.45 -29.61
CA ILE A 68 7.74 -5.41 -29.16
C ILE A 68 6.96 -6.19 -30.20
N GLU A 69 6.04 -7.06 -29.79
CA GLU A 69 5.21 -7.81 -30.74
C GLU A 69 3.76 -7.62 -30.30
N VAL A 70 2.90 -7.27 -31.25
CA VAL A 70 1.43 -7.10 -31.03
C VAL A 70 0.76 -8.14 -31.90
N VAL A 71 -0.06 -9.03 -31.29
CA VAL A 71 -0.76 -10.14 -31.99
C VAL A 71 -2.25 -9.88 -31.78
N ILE A 72 -2.99 -9.78 -32.88
CA ILE A 72 -4.47 -9.90 -32.77
C ILE A 72 -4.75 -11.39 -32.81
N GLU A 73 -5.27 -11.93 -31.73
CA GLU A 73 -5.47 -13.38 -31.60
C GLU A 73 -6.96 -13.66 -31.89
N LYS A 74 -7.29 -14.92 -32.08
CA LYS A 74 -8.71 -15.37 -32.26
C LYS A 74 -9.59 -14.65 -31.23
N ASP A 75 -10.78 -14.21 -31.66
CA ASP A 75 -11.82 -13.61 -30.79
C ASP A 75 -11.41 -12.18 -30.39
N ASN A 76 -10.43 -11.58 -31.09
CA ASN A 76 -10.00 -10.19 -30.85
C ASN A 76 -9.48 -10.04 -29.42
N TRP A 77 -8.81 -11.07 -28.90
CA TRP A 77 -7.75 -10.88 -27.86
C TRP A 77 -6.61 -10.09 -28.48
N ILE A 78 -5.91 -9.31 -27.66
CA ILE A 78 -4.62 -8.67 -28.01
C ILE A 78 -3.54 -9.28 -27.12
N LYS A 79 -2.38 -9.58 -27.70
CA LYS A 79 -1.21 -9.98 -26.91
C LYS A 79 -0.10 -9.01 -27.23
N VAL A 80 0.49 -8.39 -26.19
CA VAL A 80 1.65 -7.53 -26.39
C VAL A 80 2.77 -8.20 -25.61
N THR A 81 3.92 -8.32 -26.26
CA THR A 81 5.10 -8.98 -25.67
C THR A 81 6.27 -8.05 -25.83
N ASP A 82 7.10 -7.89 -24.80
CA ASP A 82 8.34 -7.11 -25.02
C ASP A 82 9.48 -7.89 -24.39
N ASN A 83 10.73 -7.50 -24.74
CA ASN A 83 11.90 -8.16 -24.11
C ASN A 83 12.55 -7.21 -23.12
N GLY A 84 11.75 -6.52 -22.30
CA GLY A 84 12.24 -5.63 -21.24
C GLY A 84 12.68 -6.40 -20.01
N ARG A 85 12.78 -5.74 -18.86
CA ARG A 85 13.30 -6.39 -17.64
C ARG A 85 12.25 -7.34 -17.04
N GLY A 86 11.01 -7.25 -17.49
CA GLY A 86 9.92 -7.90 -16.72
C GLY A 86 9.34 -6.93 -15.71
N ILE A 87 8.01 -6.83 -15.64
CA ILE A 87 7.40 -5.99 -14.56
C ILE A 87 7.84 -6.59 -13.23
N PRO A 88 8.27 -5.80 -12.22
CA PRO A 88 8.75 -6.39 -10.97
C PRO A 88 7.65 -7.11 -10.19
N VAL A 89 8.08 -8.10 -9.43
CA VAL A 89 7.19 -9.02 -8.68
C VAL A 89 7.43 -8.92 -7.17
N ASP A 90 8.35 -8.06 -6.73
CA ASP A 90 8.69 -7.90 -5.29
C ASP A 90 7.47 -7.29 -4.57
N ILE A 91 7.30 -7.68 -3.32
CA ILE A 91 6.18 -7.22 -2.43
C ILE A 91 6.37 -5.73 -2.13
N GLN A 92 5.34 -4.95 -2.39
CA GLN A 92 5.25 -3.53 -1.95
C GLN A 92 4.98 -3.46 -0.47
N GLU A 93 5.73 -2.62 0.25
CA GLU A 93 5.45 -2.27 1.66
C GLU A 93 4.13 -1.50 1.72
N LYS A 94 3.71 -0.86 0.62
CA LYS A 94 2.50 0.00 0.51
C LYS A 94 1.23 -0.86 0.44
N MET A 95 1.18 -1.82 -0.49
CA MET A 95 -0.03 -2.66 -0.75
C MET A 95 0.08 -4.03 -0.05
N GLY A 96 1.28 -4.49 0.30
CA GLY A 96 1.52 -5.89 0.75
C GLY A 96 1.39 -6.87 -0.42
N ARG A 97 1.31 -6.36 -1.65
CA ARG A 97 1.02 -7.17 -2.87
C ARG A 97 2.19 -7.04 -3.83
N PRO A 98 2.38 -8.02 -4.73
CA PRO A 98 3.47 -7.95 -5.70
C PRO A 98 3.33 -6.68 -6.54
N ALA A 99 4.46 -6.09 -6.87
CA ALA A 99 4.45 -4.83 -7.67
C ALA A 99 3.59 -5.00 -8.94
N VAL A 100 3.79 -6.07 -9.71
CA VAL A 100 3.08 -6.28 -11.01
C VAL A 100 1.57 -6.23 -10.76
N GLU A 101 1.09 -6.80 -9.65
CA GLU A 101 -0.36 -6.78 -9.32
C GLU A 101 -0.81 -5.32 -9.06
N VAL A 102 -0.02 -4.53 -8.33
CA VAL A 102 -0.35 -3.10 -8.05
C VAL A 102 -0.39 -2.30 -9.36
N ILE A 103 0.57 -2.53 -10.27
CA ILE A 103 0.68 -1.81 -11.56
C ILE A 103 -0.53 -2.18 -12.43
N LEU A 104 -0.89 -3.46 -12.49
CA LEU A 104 -1.96 -3.86 -13.44
C LEU A 104 -3.36 -3.57 -12.86
N THR A 105 -3.58 -3.61 -11.54
CA THR A 105 -4.91 -3.37 -10.92
C THR A 105 -5.17 -1.87 -10.73
N SER A 106 -3.98 -0.90 -11.39
CA SER A 106 -4.29 0.54 -11.56
CA SER A 106 -4.20 0.56 -11.57
C SER A 106 -4.32 0.88 -13.06
N SER A 107 -4.33 -0.15 -13.92
CA SER A 107 -4.32 -0.03 -15.39
C SER A 107 -5.75 0.19 -15.91
N VAL A 108 -5.93 1.24 -16.68
CA VAL A 108 -7.20 1.48 -17.42
CA VAL A 108 -7.22 1.48 -17.41
C VAL A 108 -7.52 0.28 -18.32
N VAL A 109 -6.50 -0.24 -19.01
CA VAL A 109 -6.70 -1.39 -19.95
C VAL A 109 -7.31 -2.55 -19.15
N ASN A 110 -6.75 -2.86 -17.99
CA ASN A 110 -7.22 -4.00 -17.14
C ASN A 110 -8.69 -3.75 -16.75
N ALA A 111 -9.01 -2.57 -16.22
CA ALA A 111 -10.38 -2.18 -15.80
C ALA A 111 -11.38 -2.37 -16.95
N LEU A 112 -11.01 -2.03 -18.18
CA LEU A 112 -11.93 -2.05 -19.36
C LEU A 112 -11.77 -3.34 -20.19
N SER A 113 -11.13 -4.37 -19.62
CA SER A 113 -11.01 -5.73 -20.20
C SER A 113 -11.85 -6.73 -19.41
N GLN A 114 -12.65 -7.55 -20.09
CA GLN A 114 -13.41 -8.64 -19.44
C GLN A 114 -12.43 -9.66 -18.87
N ASP A 115 -11.23 -9.80 -19.49
CA ASP A 115 -10.16 -10.71 -19.01
C ASP A 115 -8.81 -10.13 -19.41
N LEU A 116 -7.83 -10.31 -18.56
CA LEU A 116 -6.46 -9.89 -18.89
C LEU A 116 -5.53 -10.86 -18.18
N GLU A 117 -4.41 -11.20 -18.83
CA GLU A 117 -3.42 -12.16 -18.29
C GLU A 117 -2.06 -11.49 -18.39
N VAL A 118 -1.20 -11.71 -17.42
CA VAL A 118 0.21 -11.25 -17.53
C VAL A 118 1.08 -12.49 -17.38
N TYR A 119 2.17 -12.56 -18.15
CA TYR A 119 3.28 -13.49 -17.86
C TYR A 119 4.53 -12.65 -17.76
N VAL A 120 5.23 -12.74 -16.65
CA VAL A 120 6.49 -11.99 -16.50
C VAL A 120 7.62 -13.00 -16.51
N HIS A 121 8.63 -12.73 -17.33
CA HIS A 121 9.91 -13.44 -17.33
C HIS A 121 10.92 -12.57 -16.59
N ARG A 122 11.37 -13.04 -15.44
CA ARG A 122 12.19 -12.23 -14.52
C ARG A 122 12.79 -13.18 -13.48
N ASN A 123 14.03 -12.93 -13.08
CA ASN A 123 14.64 -13.76 -12.02
C ASN A 123 14.64 -15.24 -12.44
N GLU A 124 14.84 -15.52 -13.74
CA GLU A 124 14.86 -16.87 -14.38
C GLU A 124 13.56 -17.66 -14.10
N THR A 125 12.49 -16.93 -13.81
CA THR A 125 11.16 -17.48 -13.42
C THR A 125 10.10 -16.89 -14.32
N ILE A 126 9.05 -17.65 -14.59
CA ILE A 126 7.86 -17.14 -15.31
C ILE A 126 6.77 -17.00 -14.25
N TYR A 127 6.26 -15.79 -14.09
CA TYR A 127 5.17 -15.47 -13.14
C TYR A 127 3.90 -15.23 -13.94
N HIS A 128 2.78 -15.61 -13.36
CA HIS A 128 1.47 -15.47 -14.05
C HIS A 128 0.40 -14.97 -13.08
N GLN A 129 -0.42 -14.03 -13.57
CA GLN A 129 -1.66 -13.61 -12.90
C GLN A 129 -2.72 -13.38 -13.98
N ALA A 130 -3.98 -13.62 -13.64
CA ALA A 130 -5.15 -13.30 -14.47
C ALA A 130 -6.16 -12.43 -13.69
N TYR A 131 -6.89 -11.62 -14.45
CA TYR A 131 -7.78 -10.56 -13.94
C TYR A 131 -9.07 -10.59 -14.78
N LYS A 132 -10.14 -10.09 -14.17
CA LYS A 132 -11.47 -9.85 -14.80
C LYS A 132 -11.93 -8.48 -14.36
N LYS A 133 -12.04 -7.53 -15.29
CA LYS A 133 -12.45 -6.13 -15.02
C LYS A 133 -11.52 -5.55 -13.96
N GLY A 134 -10.25 -5.95 -14.02
CA GLY A 134 -9.21 -5.38 -13.15
C GLY A 134 -9.00 -6.17 -11.87
N VAL A 135 -9.90 -7.08 -11.56
CA VAL A 135 -9.86 -7.84 -10.28
C VAL A 135 -9.03 -9.11 -10.48
N PRO A 136 -7.94 -9.27 -9.71
CA PRO A 136 -7.12 -10.47 -9.78
C PRO A 136 -7.92 -11.72 -9.43
N GLN A 137 -7.76 -12.81 -10.21
CA GLN A 137 -8.54 -14.07 -10.09
C GLN A 137 -7.83 -15.03 -9.12
N PHE A 138 -6.58 -14.75 -8.77
CA PHE A 138 -5.71 -15.61 -7.92
C PHE A 138 -4.41 -14.84 -7.66
N ASP A 139 -3.65 -15.24 -6.66
CA ASP A 139 -2.35 -14.59 -6.33
C ASP A 139 -1.37 -14.82 -7.46
N LEU A 140 -0.46 -13.88 -7.70
CA LEU A 140 0.66 -14.08 -8.65
C LEU A 140 1.30 -15.45 -8.40
N LYS A 141 1.49 -16.26 -9.42
CA LYS A 141 2.11 -17.59 -9.20
C LYS A 141 3.28 -17.83 -10.15
N GLU A 142 4.28 -18.50 -9.60
CA GLU A 142 5.40 -19.04 -10.39
C GLU A 142 4.86 -20.21 -11.19
N VAL A 143 5.07 -20.21 -12.51
CA VAL A 143 4.49 -21.27 -13.38
C VAL A 143 5.58 -21.94 -14.19
N GLY A 144 6.82 -21.43 -14.16
CA GLY A 144 7.85 -21.94 -15.07
C GLY A 144 9.16 -21.26 -14.85
N THR A 145 10.13 -21.63 -15.65
CA THR A 145 11.48 -21.04 -15.62
C THR A 145 11.80 -20.51 -17.00
N THR A 146 12.85 -19.71 -17.07
CA THR A 146 13.17 -18.92 -18.27
C THR A 146 14.63 -18.50 -18.17
N ASP A 147 15.22 -18.25 -19.33
CA ASP A 147 16.57 -17.65 -19.44
C ASP A 147 16.40 -16.29 -20.11
N LYS A 148 15.17 -15.84 -20.40
CA LYS A 148 14.89 -14.50 -20.99
C LYS A 148 14.25 -13.59 -19.95
N THR A 149 14.11 -12.30 -20.29
CA THR A 149 13.37 -11.32 -19.46
C THR A 149 12.37 -10.65 -20.38
N GLY A 150 11.22 -10.28 -19.81
CA GLY A 150 10.21 -9.49 -20.53
C GLY A 150 8.86 -9.72 -19.96
N THR A 151 7.86 -9.15 -20.63
CA THR A 151 6.50 -9.12 -20.15
C THR A 151 5.60 -9.50 -21.32
N VAL A 152 4.62 -10.33 -21.01
CA VAL A 152 3.52 -10.66 -21.96
C VAL A 152 2.23 -10.21 -21.30
N ILE A 153 1.43 -9.43 -22.02
CA ILE A 153 0.04 -9.07 -21.62
C ILE A 153 -0.90 -9.57 -22.70
N ARG A 154 -1.95 -10.30 -22.30
CA ARG A 154 -3.04 -10.73 -23.19
C ARG A 154 -4.32 -10.15 -22.61
N PHE A 155 -5.16 -9.47 -23.40
CA PHE A 155 -6.41 -8.88 -22.87
C PHE A 155 -7.53 -9.01 -23.90
N LYS A 156 -8.75 -9.08 -23.38
CA LYS A 156 -9.98 -9.10 -24.20
C LYS A 156 -10.84 -7.89 -23.79
N ALA A 157 -10.99 -6.90 -24.66
CA ALA A 157 -11.77 -5.68 -24.38
C ALA A 157 -13.19 -6.09 -23.90
N ASP A 158 -13.70 -5.41 -22.86
CA ASP A 158 -15.03 -5.70 -22.26
C ASP A 158 -16.15 -5.20 -23.21
N GLY A 159 -16.92 -6.10 -23.79
CA GLY A 159 -18.07 -5.80 -24.67
C GLY A 159 -19.11 -4.91 -24.00
N GLU A 160 -19.18 -4.93 -22.67
CA GLU A 160 -20.08 -4.08 -21.84
C GLU A 160 -19.64 -2.61 -21.87
N ILE A 161 -18.36 -2.31 -22.17
CA ILE A 161 -17.80 -0.92 -22.24
C ILE A 161 -17.83 -0.44 -23.70
N PHE A 162 -17.28 -1.26 -24.61
CA PHE A 162 -17.12 -0.93 -26.04
C PHE A 162 -18.31 -1.53 -26.78
N THR A 163 -19.44 -0.87 -26.69
CA THR A 163 -20.71 -1.44 -27.19
C THR A 163 -20.78 -1.33 -28.72
N GLU A 164 -20.02 -0.40 -29.36
CA GLU A 164 -20.01 -0.22 -30.84
C GLU A 164 -19.25 -1.37 -31.50
N THR A 165 -17.97 -1.60 -31.14
CA THR A 165 -17.21 -2.71 -31.74
C THR A 165 -16.09 -3.12 -30.77
N THR A 166 -15.80 -4.43 -30.70
CA THR A 166 -14.58 -5.00 -30.06
C THR A 166 -13.72 -5.66 -31.14
N VAL A 167 -13.87 -5.29 -32.43
CA VAL A 167 -13.08 -5.85 -33.57
C VAL A 167 -11.99 -4.87 -33.97
N TYR A 168 -10.73 -5.31 -33.93
CA TYR A 168 -9.60 -4.43 -34.31
C TYR A 168 -9.51 -4.31 -35.83
N ASN A 169 -9.05 -3.14 -36.27
CA ASN A 169 -8.78 -2.81 -37.68
C ASN A 169 -7.27 -2.95 -37.87
N TYR A 170 -6.83 -3.98 -38.60
CA TYR A 170 -5.40 -4.27 -38.87
C TYR A 170 -4.69 -3.01 -39.37
N GLU A 171 -5.29 -2.34 -40.32
CA GLU A 171 -4.68 -1.14 -40.96
C GLU A 171 -4.52 -0.04 -39.92
N THR A 172 -5.47 0.12 -39.00
CA THR A 172 -5.37 1.14 -37.91
C THR A 172 -4.17 0.80 -37.02
N LEU A 173 -4.08 -0.45 -36.58
CA LEU A 173 -2.92 -0.86 -35.75
C LEU A 173 -1.63 -0.71 -36.56
N GLN A 174 -1.63 -1.17 -37.79
CA GLN A 174 -0.44 -1.17 -38.67
C GLN A 174 0.11 0.25 -38.83
N GLN A 175 -0.77 1.22 -39.08
CA GLN A 175 -0.40 2.63 -39.35
C GLN A 175 0.30 3.19 -38.11
N ARG A 176 -0.25 2.91 -36.94
CA ARG A 176 0.30 3.51 -35.69
C ARG A 176 1.57 2.75 -35.28
N ILE A 177 1.62 1.43 -35.48
CA ILE A 177 2.82 0.63 -35.08
C ILE A 177 3.99 1.12 -35.95
N ARG A 178 3.72 1.36 -37.23
CA ARG A 178 4.77 1.82 -38.19
C ARG A 178 5.29 3.19 -37.74
N GLU A 179 4.38 4.10 -37.40
CA GLU A 179 4.67 5.47 -36.87
C GLU A 179 5.51 5.34 -35.59
N LEU A 180 5.11 4.51 -34.63
CA LEU A 180 5.86 4.33 -33.37
C LEU A 180 7.28 3.84 -33.64
N ALA A 181 7.48 2.90 -34.56
CA ALA A 181 8.81 2.33 -34.89
C ALA A 181 9.66 3.42 -35.57
N PHE A 182 9.05 4.21 -36.42
CA PHE A 182 9.73 5.35 -37.08
C PHE A 182 10.18 6.40 -36.05
N LEU A 183 9.35 6.74 -35.09
CA LEU A 183 9.62 7.79 -34.07
C LEU A 183 10.64 7.30 -33.03
N ASN A 184 10.58 6.01 -32.69
CA ASN A 184 11.41 5.37 -31.64
C ASN A 184 12.39 4.41 -32.33
N LYS A 185 13.40 4.96 -33.01
CA LYS A 185 14.38 4.20 -33.85
C LYS A 185 15.12 3.17 -32.96
N GLY A 186 15.37 1.97 -33.51
CA GLY A 186 16.08 0.90 -32.83
C GLY A 186 15.13 -0.08 -32.20
N ILE A 187 13.83 0.21 -32.20
CA ILE A 187 12.84 -0.73 -31.62
C ILE A 187 12.23 -1.53 -32.76
N GLN A 188 12.35 -2.85 -32.71
CA GLN A 188 11.64 -3.70 -33.69
CA GLN A 188 11.67 -3.78 -33.65
C GLN A 188 10.20 -3.88 -33.18
N ILE A 189 9.24 -3.46 -33.99
CA ILE A 189 7.82 -3.60 -33.60
C ILE A 189 7.08 -4.41 -34.66
N THR A 190 6.45 -5.51 -34.24
CA THR A 190 5.85 -6.50 -35.15
C THR A 190 4.36 -6.54 -34.86
N LEU A 191 3.53 -6.47 -35.90
CA LEU A 191 2.08 -6.70 -35.80
C LEU A 191 1.78 -8.00 -36.52
N ARG A 192 0.94 -8.87 -35.91
CA ARG A 192 0.55 -10.13 -36.56
C ARG A 192 -0.93 -10.32 -36.29
N ASP A 193 -1.67 -10.69 -37.34
CA ASP A 193 -3.13 -10.98 -37.27
C ASP A 193 -3.34 -12.48 -37.42
N GLU A 194 -3.65 -13.15 -36.32
CA GLU A 194 -3.85 -14.61 -36.25
C GLU A 194 -5.34 -14.92 -36.16
N ARG A 195 -6.21 -13.95 -36.38
CA ARG A 195 -7.70 -14.15 -36.25
C ARG A 195 -8.19 -15.19 -37.25
N ASP A 196 -7.64 -15.17 -38.47
CA ASP A 196 -7.86 -16.21 -39.50
C ASP A 196 -6.60 -17.08 -39.60
N GLU A 197 -6.61 -18.26 -38.98
CA GLU A 197 -5.50 -19.24 -38.92
C GLU A 197 -5.09 -19.71 -40.31
N GLU A 198 -6.01 -19.64 -41.29
CA GLU A 198 -5.71 -20.01 -42.69
C GLU A 198 -4.94 -18.90 -43.43
N ASN A 199 -5.00 -17.65 -42.98
CA ASN A 199 -4.33 -16.49 -43.65
C ASN A 199 -3.81 -15.56 -42.57
N VAL A 200 -2.57 -15.75 -42.15
CA VAL A 200 -1.92 -14.93 -41.11
C VAL A 200 -1.05 -13.86 -41.80
N ARG A 201 -1.19 -12.63 -41.37
CA ARG A 201 -0.58 -11.43 -41.96
C ARG A 201 0.31 -10.83 -40.88
N GLU A 202 1.52 -10.45 -41.26
CA GLU A 202 2.46 -9.83 -40.32
C GLU A 202 3.19 -8.69 -41.04
N ASP A 203 3.42 -7.60 -40.30
CA ASP A 203 4.28 -6.47 -40.71
C ASP A 203 5.25 -6.24 -39.56
N SER A 204 6.55 -6.09 -39.84
CA SER A 204 7.56 -5.83 -38.80
CA SER A 204 7.58 -5.84 -38.79
C SER A 204 8.40 -4.61 -39.19
N TYR A 205 8.47 -3.62 -38.29
CA TYR A 205 9.13 -2.33 -38.53
C TYR A 205 10.33 -2.20 -37.61
N HIS A 206 11.45 -1.81 -38.17
CA HIS A 206 12.71 -1.61 -37.43
C HIS A 206 13.52 -0.57 -38.18
N TYR A 207 13.46 0.67 -37.72
CA TYR A 207 14.17 1.84 -38.31
C TYR A 207 15.53 1.98 -37.62
N GLU A 208 16.60 2.17 -38.40
CA GLU A 208 18.00 2.20 -37.88
C GLU A 208 18.24 1.02 -36.93
N GLN B 21 13.82 -3.22 4.74
CA GLN B 21 12.78 -4.22 5.15
C GLN B 21 11.81 -3.54 6.14
N VAL B 22 12.15 -3.52 7.43
CA VAL B 22 11.45 -2.70 8.45
C VAL B 22 11.59 -1.24 8.05
N LEU B 23 12.83 -0.82 7.73
CA LEU B 23 13.17 0.56 7.27
C LEU B 23 12.34 0.94 6.05
N GLU B 24 12.05 -0.01 5.17
CA GLU B 24 11.21 0.25 3.97
C GLU B 24 9.76 0.43 4.42
N GLY B 25 9.33 -0.33 5.44
CA GLY B 25 8.02 -0.16 6.11
C GLY B 25 7.83 1.25 6.65
N LEU B 26 8.80 1.75 7.43
CA LEU B 26 8.80 3.11 8.02
C LEU B 26 8.69 4.14 6.88
N GLU B 27 9.46 3.94 5.81
CA GLU B 27 9.58 4.93 4.71
C GLU B 27 8.21 5.06 4.01
N ALA B 28 7.56 3.93 3.69
CA ALA B 28 6.23 3.93 3.02
C ALA B 28 5.26 4.79 3.82
N VAL B 29 5.25 4.65 5.15
CA VAL B 29 4.26 5.28 6.06
C VAL B 29 4.50 6.78 6.08
N ARG B 30 5.76 7.17 6.23
CA ARG B 30 6.17 8.60 6.31
C ARG B 30 5.86 9.27 4.97
N LYS B 31 5.97 8.54 3.85
CA LYS B 31 5.67 9.05 2.49
C LYS B 31 4.16 9.07 2.20
N ARG B 32 3.39 8.09 2.70
CA ARG B 32 1.92 8.02 2.45
C ARG B 32 1.14 7.97 3.76
N PRO B 33 1.30 8.94 4.70
CA PRO B 33 0.61 8.89 5.99
C PRO B 33 -0.91 8.72 5.88
N GLY B 34 -1.53 9.46 4.96
CA GLY B 34 -2.99 9.50 4.77
C GLY B 34 -3.56 8.13 4.47
N MET B 35 -2.78 7.24 3.88
CA MET B 35 -3.20 5.85 3.55
C MET B 35 -3.20 4.99 4.83
N TYR B 36 -2.60 5.45 5.93
CA TYR B 36 -2.49 4.68 7.20
C TYR B 36 -3.31 5.34 8.33
N ILE B 37 -3.36 6.68 8.40
CA ILE B 37 -4.05 7.43 9.50
C ILE B 37 -5.17 8.34 8.95
N GLY B 38 -5.43 8.32 7.65
CA GLY B 38 -6.55 9.09 7.04
C GLY B 38 -6.10 10.42 6.46
N SER B 39 -5.21 11.14 7.15
CA SER B 39 -4.75 12.50 6.75
C SER B 39 -3.64 12.99 7.69
N THR B 40 -2.99 14.12 7.38
CA THR B 40 -1.95 14.75 8.24
C THR B 40 -2.46 16.06 8.86
N SER B 41 -3.77 16.29 8.82
CA SER B 41 -4.48 17.44 9.46
C SER B 41 -4.63 17.16 10.97
N GLU B 42 -5.45 17.95 11.66
CA GLU B 42 -5.76 17.78 13.09
C GLU B 42 -6.36 16.39 13.32
N ARG B 43 -7.21 15.90 12.41
CA ARG B 43 -7.83 14.55 12.50
C ARG B 43 -6.76 13.45 12.54
N GLY B 44 -5.72 13.55 11.71
CA GLY B 44 -4.63 12.56 11.64
C GLY B 44 -3.79 12.60 12.89
N LEU B 45 -3.50 13.79 13.40
CA LEU B 45 -2.78 13.97 14.68
C LEU B 45 -3.54 13.19 15.78
N HIS B 46 -4.87 13.34 15.89
CA HIS B 46 -5.67 12.68 16.94
C HIS B 46 -5.75 11.17 16.67
N HIS B 47 -5.64 10.75 15.41
CA HIS B 47 -5.68 9.32 15.05
C HIS B 47 -4.46 8.61 15.64
N LEU B 48 -3.31 9.28 15.77
CA LEU B 48 -2.15 8.67 16.49
C LEU B 48 -2.56 8.15 17.87
N VAL B 49 -3.23 9.01 18.66
CA VAL B 49 -3.70 8.65 20.03
C VAL B 49 -4.62 7.43 19.95
N TRP B 50 -5.56 7.42 18.99
CA TRP B 50 -6.52 6.28 18.85
C TRP B 50 -5.77 4.98 18.52
N GLU B 51 -4.68 5.05 17.75
CA GLU B 51 -3.93 3.84 17.35
C GLU B 51 -3.30 3.25 18.62
N ILE B 52 -2.68 4.10 19.45
CA ILE B 52 -2.02 3.62 20.68
C ILE B 52 -3.10 3.18 21.69
N VAL B 53 -4.15 3.98 21.86
CA VAL B 53 -5.21 3.61 22.86
C VAL B 53 -5.84 2.27 22.44
N ASP B 54 -6.05 2.07 21.14
CA ASP B 54 -6.66 0.82 20.60
CA ASP B 54 -6.65 0.82 20.60
C ASP B 54 -5.87 -0.42 21.09
N ASN B 55 -4.53 -0.36 21.13
CA ASN B 55 -3.71 -1.48 21.66
C ASN B 55 -4.02 -1.71 23.15
N SER B 56 -4.23 -0.68 23.97
CA SER B 56 -4.55 -0.82 25.39
C SER B 56 -5.97 -1.40 25.54
N ILE B 57 -6.91 -1.00 24.69
CA ILE B 57 -8.30 -1.55 24.71
C ILE B 57 -8.23 -3.05 24.36
N ASP B 58 -7.43 -3.41 23.37
CA ASP B 58 -7.20 -4.85 23.01
C ASP B 58 -6.76 -5.62 24.27
N GLU B 59 -5.92 -5.02 25.13
CA GLU B 59 -5.44 -5.65 26.39
C GLU B 59 -6.61 -5.80 27.37
N ALA B 60 -7.48 -4.80 27.45
CA ALA B 60 -8.73 -4.86 28.26
C ALA B 60 -9.66 -5.92 27.67
N LEU B 61 -9.86 -5.91 26.35
CA LEU B 61 -10.70 -6.97 25.70
C LEU B 61 -10.16 -8.38 25.97
N ALA B 62 -8.84 -8.56 26.05
CA ALA B 62 -8.23 -9.89 26.31
C ALA B 62 -8.44 -10.28 27.79
N GLY B 63 -8.82 -9.35 28.67
CA GLY B 63 -9.14 -9.59 30.10
C GLY B 63 -7.98 -9.24 31.05
N TYR B 64 -6.97 -8.51 30.61
CA TYR B 64 -5.73 -8.30 31.43
C TYR B 64 -5.59 -6.88 31.95
N ALA B 65 -6.10 -5.88 31.24
CA ALA B 65 -6.03 -4.47 31.65
C ALA B 65 -7.41 -4.04 32.14
N ASN B 66 -7.48 -3.21 33.19
CA ASN B 66 -8.76 -2.57 33.57
C ASN B 66 -8.57 -1.06 33.80
N GLN B 67 -7.36 -0.54 33.55
CA GLN B 67 -7.07 0.91 33.71
C GLN B 67 -6.23 1.36 32.53
N ILE B 68 -6.66 2.47 31.93
CA ILE B 68 -6.02 3.10 30.76
C ILE B 68 -5.96 4.59 31.07
N GLU B 69 -4.78 5.22 30.89
CA GLU B 69 -4.60 6.65 31.20
C GLU B 69 -3.97 7.27 29.96
N VAL B 70 -4.52 8.39 29.52
CA VAL B 70 -4.03 9.20 28.39
C VAL B 70 -3.67 10.57 28.97
N VAL B 71 -2.42 11.02 28.78
CA VAL B 71 -1.94 12.29 29.38
C VAL B 71 -1.45 13.11 28.21
N ILE B 72 -1.97 14.31 28.06
CA ILE B 72 -1.34 15.30 27.14
C ILE B 72 -0.27 15.98 27.98
N GLU B 73 0.99 15.81 27.60
CA GLU B 73 2.15 16.28 28.39
C GLU B 73 2.71 17.57 27.75
N LYS B 74 3.58 18.25 28.49
CA LYS B 74 4.40 19.37 27.99
C LYS B 74 4.80 19.12 26.54
N ASP B 75 4.68 20.16 25.69
CA ASP B 75 5.16 20.16 24.28
C ASP B 75 4.32 19.21 23.44
N ASN B 76 3.13 18.82 23.90
CA ASN B 76 2.22 17.96 23.12
C ASN B 76 2.84 16.59 22.87
N TRP B 77 3.60 16.07 23.86
CA TRP B 77 3.78 14.63 23.96
C TRP B 77 2.44 14.00 24.39
N ILE B 78 2.21 12.76 24.01
CA ILE B 78 1.08 11.96 24.55
C ILE B 78 1.70 10.81 25.29
N LYS B 79 1.12 10.44 26.43
CA LYS B 79 1.51 9.24 27.17
C LYS B 79 0.27 8.41 27.39
N VAL B 80 0.32 7.16 26.93
CA VAL B 80 -0.72 6.16 27.19
C VAL B 80 -0.11 5.08 28.07
N THR B 81 -0.84 4.74 29.11
CA THR B 81 -0.42 3.73 30.10
C THR B 81 -1.58 2.77 30.27
N ASP B 82 -1.32 1.46 30.29
CA ASP B 82 -2.35 0.48 30.69
C ASP B 82 -1.72 -0.45 31.70
N ASN B 83 -2.57 -1.12 32.46
CA ASN B 83 -2.12 -2.13 33.44
C ASN B 83 -2.29 -3.54 32.88
N GLY B 84 -2.05 -3.74 31.59
CA GLY B 84 -2.09 -5.07 30.95
C GLY B 84 -0.87 -5.90 31.28
N ARG B 85 -0.53 -6.83 30.39
CA ARG B 85 0.59 -7.79 30.61
C ARG B 85 1.93 -7.15 30.30
N GLY B 86 1.91 -6.02 29.59
CA GLY B 86 3.18 -5.48 29.08
C GLY B 86 3.52 -6.10 27.75
N ILE B 87 3.95 -5.28 26.78
CA ILE B 87 4.38 -5.81 25.46
C ILE B 87 5.49 -6.83 25.69
N PRO B 88 5.42 -8.03 25.07
CA PRO B 88 6.47 -9.03 25.22
C PRO B 88 7.87 -8.52 24.84
N VAL B 89 8.87 -8.98 25.57
CA VAL B 89 10.30 -8.55 25.38
C VAL B 89 11.21 -9.69 24.87
N ASP B 90 10.66 -10.90 24.74
N ASP B 90 10.78 -10.96 24.87
CA ASP B 90 11.35 -12.13 24.26
CA ASP B 90 11.69 -12.07 24.49
C ASP B 90 11.95 -11.89 22.87
C ASP B 90 11.94 -12.03 22.97
N ILE B 91 13.17 -12.40 22.59
CA ILE B 91 13.73 -12.39 21.21
C ILE B 91 12.78 -13.20 20.32
N GLN B 92 12.42 -12.63 19.16
CA GLN B 92 11.43 -13.20 18.20
C GLN B 92 12.18 -13.75 16.97
N MET B 95 13.27 -12.55 13.99
CA MET B 95 13.99 -11.31 13.60
C MET B 95 15.30 -11.15 14.39
N GLY B 96 15.54 -11.96 15.44
CA GLY B 96 16.73 -11.83 16.29
C GLY B 96 16.71 -10.56 17.13
N ARG B 97 15.52 -10.01 17.38
CA ARG B 97 15.31 -8.74 18.12
C ARG B 97 14.18 -8.93 19.12
N PRO B 98 14.13 -8.13 20.22
CA PRO B 98 13.02 -8.21 21.17
C PRO B 98 11.68 -7.96 20.46
N ALA B 99 10.64 -8.67 20.88
CA ALA B 99 9.31 -8.59 20.26
C ALA B 99 8.81 -7.14 20.30
N VAL B 100 8.96 -6.47 21.46
CA VAL B 100 8.54 -5.05 21.63
C VAL B 100 9.17 -4.20 20.51
N GLU B 101 10.46 -4.38 20.22
CA GLU B 101 11.15 -3.62 19.16
C GLU B 101 10.51 -3.94 17.79
N VAL B 102 10.28 -5.22 17.50
CA VAL B 102 9.68 -5.66 16.21
C VAL B 102 8.29 -5.03 16.06
N ILE B 103 7.50 -5.07 17.13
CA ILE B 103 6.13 -4.49 17.18
C ILE B 103 6.22 -2.98 16.96
N LEU B 104 7.11 -2.27 17.65
CA LEU B 104 7.08 -0.78 17.62
C LEU B 104 7.76 -0.25 16.37
N THR B 105 8.73 -0.96 15.78
CA THR B 105 9.39 -0.51 14.51
C THR B 105 8.48 -0.85 13.32
N SER B 106 7.11 -1.73 13.61
CA SER B 106 6.07 -1.88 12.56
C SER B 106 4.90 -0.96 12.83
N SER B 107 5.01 -0.05 13.81
CA SER B 107 3.94 0.86 14.26
C SER B 107 3.90 2.11 13.37
N VAL B 108 2.75 2.40 12.80
CA VAL B 108 2.46 3.67 12.07
C VAL B 108 2.79 4.88 12.97
N VAL B 109 2.35 4.85 14.22
CA VAL B 109 2.51 5.99 15.16
C VAL B 109 4.00 6.24 15.36
N ASN B 110 4.77 5.18 15.58
CA ASN B 110 6.25 5.30 15.77
C ASN B 110 6.85 5.98 14.54
N ALA B 111 6.50 5.51 13.34
CA ALA B 111 7.03 6.02 12.05
C ALA B 111 6.70 7.51 11.90
N LEU B 112 5.53 7.96 12.39
CA LEU B 112 5.03 9.36 12.22
C LEU B 112 5.32 10.20 13.46
N SER B 113 6.14 9.71 14.38
CA SER B 113 6.57 10.38 15.64
C SER B 113 8.02 10.79 15.51
N GLN B 114 8.35 12.05 15.85
CA GLN B 114 9.76 12.51 15.85
C GLN B 114 10.47 11.81 17.02
N ASP B 115 9.75 11.43 18.08
CA ASP B 115 10.33 10.70 19.23
C ASP B 115 9.23 9.81 19.78
N LEU B 116 9.60 8.60 20.17
CA LEU B 116 8.65 7.73 20.88
C LEU B 116 9.48 6.96 21.90
N GLU B 117 8.90 6.73 23.08
CA GLU B 117 9.54 5.94 24.14
C GLU B 117 8.58 4.85 24.59
N VAL B 118 9.11 3.71 24.98
CA VAL B 118 8.27 2.66 25.62
C VAL B 118 8.94 2.29 26.94
N TYR B 119 8.11 2.01 27.94
CA TYR B 119 8.48 1.39 29.21
C TYR B 119 7.55 0.22 29.40
N VAL B 120 8.11 -0.97 29.44
CA VAL B 120 7.32 -2.20 29.66
C VAL B 120 7.58 -2.61 31.09
N HIS B 121 6.52 -2.85 31.85
CA HIS B 121 6.63 -3.49 33.18
C HIS B 121 6.19 -4.93 33.01
N ARG B 122 7.12 -5.86 33.20
CA ARG B 122 6.97 -7.28 32.83
C ARG B 122 8.09 -8.08 33.51
N ASN B 123 7.80 -9.28 33.98
CA ASN B 123 8.86 -10.15 34.59
C ASN B 123 9.55 -9.37 35.73
N GLU B 124 8.78 -8.56 36.47
CA GLU B 124 9.23 -7.80 37.66
C GLU B 124 10.37 -6.85 37.23
N THR B 125 10.38 -6.44 35.96
CA THR B 125 11.45 -5.58 35.37
C THR B 125 10.81 -4.45 34.57
N ILE B 126 11.49 -3.30 34.50
CA ILE B 126 11.09 -2.18 33.63
C ILE B 126 12.08 -2.17 32.47
N TYR B 127 11.57 -2.31 31.25
CA TYR B 127 12.34 -2.29 30.00
C TYR B 127 12.04 -1.00 29.26
N HIS B 128 13.05 -0.43 28.65
CA HIS B 128 12.89 0.89 27.99
C HIS B 128 13.58 0.85 26.63
N GLN B 129 12.92 1.42 25.61
CA GLN B 129 13.55 1.71 24.31
C GLN B 129 12.99 3.06 23.81
N ALA B 130 13.80 3.80 23.07
CA ALA B 130 13.38 5.06 22.42
C ALA B 130 13.68 4.98 20.92
N TYR B 131 12.91 5.72 20.12
CA TYR B 131 12.91 5.71 18.65
C TYR B 131 12.83 7.15 18.19
N LYS B 132 13.29 7.39 16.97
CA LYS B 132 13.13 8.67 16.23
C LYS B 132 12.69 8.30 14.81
N LYS B 133 11.47 8.70 14.43
CA LYS B 133 10.88 8.39 13.11
C LYS B 133 10.85 6.88 12.95
N GLY B 134 10.69 6.15 14.07
CA GLY B 134 10.58 4.68 14.06
C GLY B 134 11.91 3.95 14.23
N VAL B 135 13.04 4.66 14.11
CA VAL B 135 14.41 4.07 14.23
C VAL B 135 14.76 3.98 15.71
N PRO B 136 15.05 2.76 16.22
CA PRO B 136 15.54 2.61 17.58
C PRO B 136 16.86 3.36 17.83
N GLN B 137 16.96 4.06 18.96
CA GLN B 137 18.13 4.91 19.26
C GLN B 137 19.18 4.09 20.00
N PHE B 138 18.77 2.98 20.60
CA PHE B 138 19.64 2.10 21.40
C PHE B 138 18.86 0.81 21.64
N ASP B 139 19.52 -0.23 22.13
CA ASP B 139 18.90 -1.57 22.37
C ASP B 139 17.96 -1.49 23.57
N LEU B 140 16.80 -2.14 23.48
CA LEU B 140 15.95 -2.34 24.67
C LEU B 140 16.87 -2.63 25.87
N LYS B 141 16.65 -1.97 27.00
CA LYS B 141 17.47 -2.21 28.23
C LYS B 141 16.59 -2.23 29.48
N GLU B 142 17.07 -2.91 30.52
N GLU B 142 17.00 -3.01 30.48
CA GLU B 142 16.42 -2.94 31.86
CA GLU B 142 16.40 -2.94 31.84
C GLU B 142 16.79 -1.67 32.63
C GLU B 142 16.75 -1.56 32.43
N VAL B 143 15.78 -0.93 33.09
CA VAL B 143 15.95 0.40 33.71
C VAL B 143 15.31 0.45 35.09
N GLY B 144 14.96 -0.70 35.68
CA GLY B 144 14.21 -0.68 36.93
C GLY B 144 13.66 -2.03 37.26
N THR B 145 13.09 -2.07 38.44
CA THR B 145 12.35 -3.21 39.03
CA THR B 145 12.32 -3.24 38.89
C THR B 145 10.92 -2.76 39.28
N THR B 146 9.99 -3.68 39.20
CA THR B 146 8.57 -3.37 39.37
C THR B 146 7.89 -4.59 39.97
N ASP B 147 6.79 -4.35 40.63
CA ASP B 147 5.89 -5.46 41.03
C ASP B 147 4.62 -5.36 40.19
N LYS B 148 4.57 -4.44 39.22
CA LYS B 148 3.35 -4.21 38.40
C LYS B 148 3.57 -4.77 37.00
N THR B 149 2.52 -4.87 36.19
CA THR B 149 2.65 -5.27 34.76
C THR B 149 1.82 -4.27 33.95
N GLY B 150 2.36 -3.87 32.80
CA GLY B 150 1.66 -2.94 31.88
C GLY B 150 2.63 -2.28 30.95
N THR B 151 2.13 -1.30 30.20
CA THR B 151 2.87 -0.66 29.10
C THR B 151 2.64 0.83 29.22
N VAL B 152 3.74 1.58 29.06
CA VAL B 152 3.73 3.05 28.92
C VAL B 152 4.34 3.34 27.55
N ILE B 153 3.60 4.08 26.72
CA ILE B 153 4.06 4.63 25.43
C ILE B 153 3.97 6.14 25.56
N ARG B 154 5.06 6.87 25.24
CA ARG B 154 5.07 8.33 25.19
C ARG B 154 5.50 8.67 23.76
N PHE B 155 4.81 9.56 23.05
CA PHE B 155 5.25 9.92 21.69
C PHE B 155 4.99 11.40 21.43
N LYS B 156 5.88 11.98 20.62
N LYS B 156 5.85 11.97 20.58
CA LYS B 156 5.74 13.36 20.07
CA LYS B 156 5.79 13.36 20.07
C LYS B 156 5.58 13.26 18.55
C LYS B 156 5.60 13.28 18.55
N ALA B 157 4.42 13.68 18.06
CA ALA B 157 4.07 13.70 16.63
C ALA B 157 5.12 14.51 15.86
N ASP B 158 5.54 14.01 14.72
CA ASP B 158 6.57 14.65 13.87
C ASP B 158 5.97 15.90 13.20
N GLY B 159 6.47 17.06 13.60
CA GLY B 159 6.09 18.39 13.05
C GLY B 159 6.36 18.49 11.55
N GLU B 160 7.17 17.59 10.99
CA GLU B 160 7.49 17.56 9.54
C GLU B 160 6.35 16.87 8.77
N ILE B 161 5.63 15.95 9.42
CA ILE B 161 4.43 15.26 8.86
C ILE B 161 3.20 16.14 9.11
N PHE B 162 2.96 16.51 10.36
CA PHE B 162 1.73 17.20 10.82
C PHE B 162 2.01 18.70 10.78
N THR B 163 1.96 19.27 9.59
CA THR B 163 2.44 20.65 9.32
C THR B 163 1.41 21.67 9.82
N GLU B 164 0.12 21.31 9.82
CA GLU B 164 -1.00 22.24 10.18
C GLU B 164 -1.01 22.51 11.69
N THR B 165 -0.95 21.45 12.50
CA THR B 165 -0.99 21.57 13.96
C THR B 165 -0.39 20.32 14.58
N THR B 166 0.41 20.50 15.62
CA THR B 166 0.80 19.39 16.54
C THR B 166 0.14 19.58 17.91
N VAL B 167 -0.88 20.45 18.01
CA VAL B 167 -1.56 20.77 19.30
C VAL B 167 -2.82 19.95 19.39
N TYR B 168 -2.91 19.11 20.41
CA TYR B 168 -4.12 18.29 20.68
C TYR B 168 -5.23 19.14 21.24
N ASN B 169 -6.46 18.73 20.93
CA ASN B 169 -7.68 19.33 21.45
C ASN B 169 -8.24 18.45 22.55
N TYR B 170 -8.37 18.96 23.78
CA TYR B 170 -8.79 18.17 24.96
C TYR B 170 -10.20 17.60 24.70
N GLU B 171 -11.11 18.44 24.19
CA GLU B 171 -12.55 18.04 23.95
C GLU B 171 -12.64 16.86 23.00
N THR B 172 -11.90 16.90 21.89
CA THR B 172 -11.83 15.80 20.89
C THR B 172 -11.40 14.51 21.61
N LEU B 173 -10.32 14.56 22.38
CA LEU B 173 -9.88 13.35 23.10
C LEU B 173 -10.95 12.94 24.12
N GLN B 174 -11.49 13.89 24.86
CA GLN B 174 -12.49 13.62 25.92
C GLN B 174 -13.69 12.88 25.32
N GLN B 175 -14.20 13.37 24.19
CA GLN B 175 -15.42 12.80 23.56
C GLN B 175 -15.20 11.33 23.19
N ARG B 176 -14.06 10.99 22.57
CA ARG B 176 -13.82 9.59 22.14
C ARG B 176 -13.51 8.71 23.37
N ILE B 177 -12.79 9.26 24.36
CA ILE B 177 -12.45 8.46 25.56
C ILE B 177 -13.75 8.08 26.29
N ARG B 178 -14.72 8.98 26.37
CA ARG B 178 -16.03 8.68 27.02
C ARG B 178 -16.72 7.56 26.22
N GLU B 179 -16.69 7.63 24.89
CA GLU B 179 -17.26 6.59 23.98
C GLU B 179 -16.56 5.25 24.25
N LEU B 180 -15.22 5.22 24.29
CA LEU B 180 -14.48 3.96 24.57
C LEU B 180 -14.85 3.41 25.93
N ALA B 181 -15.02 4.24 26.97
CA ALA B 181 -15.31 3.75 28.32
C ALA B 181 -16.73 3.19 28.32
N PHE B 182 -17.60 3.81 27.56
CA PHE B 182 -18.99 3.34 27.43
C PHE B 182 -19.04 1.97 26.72
N LEU B 183 -18.22 1.77 25.70
CA LEU B 183 -18.12 0.46 24.98
C LEU B 183 -17.49 -0.58 25.90
N ASN B 184 -16.61 -0.16 26.80
CA ASN B 184 -15.75 -1.08 27.59
C ASN B 184 -16.11 -0.91 29.07
N LYS B 185 -17.30 -1.35 29.45
CA LYS B 185 -17.79 -1.19 30.83
C LYS B 185 -16.77 -1.86 31.76
N GLY B 186 -16.52 -1.26 32.92
CA GLY B 186 -15.60 -1.85 33.93
C GLY B 186 -14.16 -1.48 33.65
N ILE B 187 -13.87 -0.81 32.53
CA ILE B 187 -12.50 -0.28 32.27
C ILE B 187 -12.47 1.19 32.67
N GLN B 188 -11.55 1.59 33.54
CA GLN B 188 -11.43 2.99 33.95
C GLN B 188 -10.53 3.67 32.93
N ILE B 189 -11.04 4.70 32.23
CA ILE B 189 -10.19 5.43 31.25
C ILE B 189 -10.10 6.88 31.73
N THR B 190 -8.86 7.37 31.91
CA THR B 190 -8.58 8.70 32.47
C THR B 190 -7.86 9.52 31.39
N LEU B 191 -8.33 10.72 31.16
CA LEU B 191 -7.65 11.74 30.32
C LEU B 191 -7.15 12.87 31.22
N ARG B 192 -5.90 13.30 31.06
CA ARG B 192 -5.35 14.39 31.86
C ARG B 192 -4.54 15.30 30.95
N ASP B 193 -4.75 16.59 31.08
CA ASP B 193 -3.98 17.62 30.35
C ASP B 193 -3.00 18.23 31.33
N GLU B 194 -1.71 18.02 31.08
CA GLU B 194 -0.61 18.49 31.91
C GLU B 194 0.22 19.50 31.11
N ARG B 195 -0.31 20.02 30.01
CA ARG B 195 0.45 21.01 29.16
C ARG B 195 0.66 22.33 29.92
N ASP B 196 -0.30 22.74 30.74
CA ASP B 196 -0.24 23.93 31.64
C ASP B 196 -0.03 23.39 33.05
N GLU B 197 1.20 23.34 33.51
CA GLU B 197 1.62 22.78 34.82
C GLU B 197 0.90 23.49 35.97
N GLU B 198 0.48 24.73 35.76
CA GLU B 198 -0.23 25.53 36.79
C GLU B 198 -1.73 25.23 36.80
N ASN B 199 -2.27 24.58 35.76
CA ASN B 199 -3.74 24.41 35.55
C ASN B 199 -3.96 23.02 34.91
N VAL B 200 -4.06 21.97 35.72
CA VAL B 200 -4.13 20.59 35.20
C VAL B 200 -5.60 20.13 35.30
N ARG B 201 -6.13 19.57 34.23
CA ARG B 201 -7.53 19.12 34.10
C ARG B 201 -7.50 17.61 33.91
N GLU B 202 -8.43 16.90 34.53
CA GLU B 202 -8.48 15.44 34.36
C GLU B 202 -9.96 15.05 34.35
N ASP B 203 -10.32 14.11 33.49
CA ASP B 203 -11.65 13.45 33.47
C ASP B 203 -11.40 11.95 33.49
N SER B 204 -12.09 11.22 34.36
CA SER B 204 -11.92 9.76 34.50
C SER B 204 -13.30 9.12 34.36
N TYR B 205 -13.43 8.16 33.44
CA TYR B 205 -14.70 7.50 33.07
C TYR B 205 -14.62 6.04 33.47
N HIS B 206 -15.69 5.52 34.05
CA HIS B 206 -15.77 4.12 34.53
C HIS B 206 -17.25 3.75 34.55
N TYR B 207 -17.74 3.23 33.43
CA TYR B 207 -19.16 2.81 33.32
C TYR B 207 -19.28 1.44 34.02
N GLU B 208 -20.18 1.34 34.99
CA GLU B 208 -20.22 0.16 35.90
C GLU B 208 -20.81 -1.02 35.13
N GLY B 209 -20.16 -2.19 35.25
CA GLY B 209 -20.49 -3.45 34.54
C GLY B 209 -19.28 -4.37 34.44
#